data_2OD4
#
_entry.id   2OD4
#
_cell.length_a   31.890
_cell.length_b   77.790
_cell.length_c   43.810
_cell.angle_alpha   90.000
_cell.angle_beta   102.660
_cell.angle_gamma   90.000
#
_symmetry.space_group_name_H-M   'P 1 21 1'
#
loop_
_entity.id
_entity.type
_entity.pdbx_description
1 polymer 'hypothetical protein'
2 non-polymer 'CHLORIDE ION'
3 non-polymer 1,2-ETHANEDIOL
4 water water
#
_entity_poly.entity_id   1
_entity_poly.type   'polypeptide(L)'
_entity_poly.pdbx_seq_one_letter_code
;G(MSE)FAGSIP(MSE)YIRVVSITAQSKLQFD(MSE)TVTYFENVWSPKVISLGAISAEFVQSNENSG(MSE)YIIHYP
DKQTAISVFDKIKPEVDEVRTQNRIQITEGKRLFRVD
;
_entity_poly.pdbx_strand_id   A,B
#
# COMPACT_ATOMS: atom_id res chain seq x y z
N GLY A 1 15.42 6.96 6.75
CA GLY A 1 15.89 6.67 8.14
C GLY A 1 15.85 7.87 9.07
N PHE A 3 16.70 11.02 8.30
CA PHE A 3 16.50 12.28 7.60
C PHE A 3 15.18 12.21 6.86
N ALA A 4 14.54 13.36 6.66
CA ALA A 4 13.30 13.39 5.89
C ALA A 4 13.60 12.96 4.44
N GLY A 5 14.68 13.47 3.88
CA GLY A 5 15.07 13.10 2.52
C GLY A 5 14.03 13.47 1.46
N SER A 6 14.09 12.79 0.33
CA SER A 6 13.15 13.09 -0.74
C SER A 6 11.72 12.75 -0.35
N ILE A 7 10.80 13.57 -0.80
CA ILE A 7 9.40 13.26 -0.65
C ILE A 7 9.09 12.08 -1.58
N PRO A 8 8.52 11.00 -1.05
CA PRO A 8 8.24 9.83 -1.82
C PRO A 8 7.06 10.05 -2.78
N TYR A 10 6.51 8.53 -5.78
CA TYR A 10 6.19 7.41 -6.65
C TYR A 10 6.20 6.16 -5.83
N ILE A 11 5.15 5.35 -5.98
CA ILE A 11 4.99 4.17 -5.16
C ILE A 11 4.77 2.94 -6.01
N ARG A 12 5.46 1.85 -5.67
CA ARG A 12 5.24 0.54 -6.27
C ARG A 12 4.69 -0.42 -5.22
N VAL A 13 3.65 -1.15 -5.56
CA VAL A 13 3.02 -2.11 -4.68
C VAL A 13 3.01 -3.45 -5.36
N VAL A 14 3.61 -4.45 -4.72
CA VAL A 14 3.67 -5.78 -5.26
C VAL A 14 2.75 -6.66 -4.43
N SER A 15 1.73 -7.24 -5.02
CA SER A 15 0.94 -8.20 -4.27
C SER A 15 1.62 -9.56 -4.45
N ILE A 16 1.84 -10.25 -3.35
CA ILE A 16 2.58 -11.52 -3.35
C ILE A 16 1.77 -12.60 -2.67
N THR A 17 1.47 -13.68 -3.40
CA THR A 17 0.74 -14.82 -2.85
C THR A 17 1.64 -16.06 -2.97
N ALA A 18 1.99 -16.64 -1.83
CA ALA A 18 2.90 -17.79 -1.80
C ALA A 18 2.07 -19.05 -1.83
N GLN A 19 2.74 -20.19 -1.95
CA GLN A 19 2.01 -21.46 -2.05
C GLN A 19 1.55 -22.04 -0.71
N SER A 20 2.06 -21.54 0.40
CA SER A 20 1.62 -21.97 1.72
C SER A 20 1.95 -20.91 2.76
N LYS A 21 1.42 -21.08 3.97
CA LYS A 21 1.68 -20.14 5.02
C LYS A 21 3.18 -20.05 5.35
N LEU A 22 3.86 -21.19 5.46
CA LEU A 22 5.26 -21.21 5.87
C LEU A 22 6.17 -20.70 4.76
N GLN A 23 5.81 -20.95 3.51
CA GLN A 23 6.54 -20.36 2.38
C GLN A 23 6.39 -18.86 2.37
N PHE A 24 5.17 -18.35 2.63
CA PHE A 24 4.94 -16.92 2.77
C PHE A 24 5.82 -16.36 3.88
N ASP A 25 5.81 -17.01 5.05
CA ASP A 25 6.63 -16.52 6.18
C ASP A 25 8.10 -16.40 5.84
N THR A 27 9.34 -15.95 2.89
CA THR A 27 9.47 -14.90 1.89
C THR A 27 9.52 -13.55 2.57
N VAL A 28 8.69 -13.37 3.57
CA VAL A 28 8.70 -12.12 4.29
C VAL A 28 10.05 -11.90 4.95
N THR A 29 10.61 -12.94 5.56
CA THR A 29 11.92 -12.84 6.19
C THR A 29 12.98 -12.46 5.15
N TYR A 30 12.88 -13.04 3.98
CA TYR A 30 13.78 -12.74 2.90
C TYR A 30 13.62 -11.28 2.42
N PHE A 31 12.37 -10.83 2.29
CA PHE A 31 12.11 -9.44 1.89
C PHE A 31 12.57 -8.44 2.93
N GLU A 32 12.50 -8.77 4.22
CA GLU A 32 12.96 -7.88 5.25
C GLU A 32 14.48 -7.73 5.29
N ASN A 33 15.18 -8.87 5.18
CA ASN A 33 16.62 -8.93 5.46
C ASN A 33 17.53 -8.76 4.24
N VAL A 34 17.02 -9.09 3.07
CA VAL A 34 17.81 -9.06 1.82
C VAL A 34 17.19 -8.12 0.79
N TRP A 35 15.92 -8.32 0.48
CA TRP A 35 15.32 -7.59 -0.65
C TRP A 35 15.21 -6.09 -0.32
N SER A 36 14.67 -5.75 0.85
CA SER A 36 14.40 -4.36 1.18
C SER A 36 15.70 -3.58 1.33
N PRO A 37 16.71 -4.13 2.06
CA PRO A 37 17.99 -3.43 1.99
C PRO A 37 18.57 -3.19 0.58
N LYS A 38 18.36 -4.14 -0.34
CA LYS A 38 18.89 -4.05 -1.68
C LYS A 38 18.19 -2.91 -2.41
N VAL A 39 16.86 -2.89 -2.43
CA VAL A 39 16.17 -1.81 -3.16
C VAL A 39 16.43 -0.45 -2.54
N ILE A 40 16.63 -0.38 -1.22
CA ILE A 40 16.96 0.89 -0.59
C ILE A 40 18.35 1.34 -1.01
N SER A 41 19.28 0.40 -1.09
CA SER A 41 20.63 0.71 -1.52
C SER A 41 20.64 1.25 -2.96
N LEU A 42 19.65 0.87 -3.75
CA LEU A 42 19.60 1.23 -5.17
C LEU A 42 18.80 2.51 -5.40
N GLY A 43 18.14 3.02 -4.37
CA GLY A 43 17.40 4.25 -4.47
C GLY A 43 16.02 4.35 -3.85
N ALA A 44 15.46 3.21 -3.42
CA ALA A 44 14.19 3.23 -2.70
C ALA A 44 14.31 4.02 -1.39
N ILE A 45 13.23 4.68 -1.02
CA ILE A 45 13.16 5.41 0.23
C ILE A 45 12.79 4.47 1.38
N SER A 46 11.81 3.60 1.13
CA SER A 46 11.36 2.71 2.17
C SER A 46 10.62 1.54 1.57
N ALA A 47 10.48 0.50 2.35
CA ALA A 47 9.74 -0.67 1.91
C ALA A 47 8.97 -1.24 3.11
N GLU A 48 7.71 -1.61 2.91
CA GLU A 48 6.93 -2.20 3.97
C GLU A 48 6.23 -3.40 3.43
N PHE A 49 5.97 -4.35 4.30
CA PHE A 49 5.23 -5.56 3.92
C PHE A 49 4.03 -5.61 4.86
N VAL A 50 2.87 -5.81 4.28
CA VAL A 50 1.60 -5.87 4.98
C VAL A 50 0.98 -7.22 4.67
N GLN A 51 0.47 -7.88 5.69
CA GLN A 51 -0.07 -9.21 5.54
C GLN A 51 -1.53 -9.08 5.20
N SER A 52 -2.00 -9.74 4.14
CA SER A 52 -3.42 -9.73 3.79
CA SER A 52 -3.43 -9.71 3.80
C SER A 52 -4.13 -10.97 4.31
N ASN A 53 -3.52 -12.12 4.10
CA ASN A 53 -4.00 -13.36 4.70
C ASN A 53 -2.81 -14.27 5.03
N GLU A 54 -3.07 -15.52 5.40
CA GLU A 54 -1.99 -16.37 5.94
C GLU A 54 -0.85 -16.59 4.95
N ASN A 55 -1.13 -16.51 3.65
CA ASN A 55 -0.13 -16.84 2.62
C ASN A 55 0.05 -15.72 1.62
N SER A 56 -0.39 -14.50 1.98
CA SER A 56 -0.27 -13.43 1.02
C SER A 56 -0.19 -12.06 1.65
N GLY A 57 0.36 -11.13 0.89
CA GLY A 57 0.47 -9.77 1.34
C GLY A 57 0.86 -8.79 0.25
N TYR A 59 3.78 -5.86 -0.68
CA TYR A 59 5.05 -5.23 -0.48
C TYR A 59 5.02 -3.87 -1.16
N ILE A 60 5.24 -2.82 -0.37
CA ILE A 60 4.99 -1.45 -0.78
C ILE A 60 6.32 -0.74 -0.73
N ILE A 61 6.76 -0.25 -1.87
CA ILE A 61 8.04 0.46 -1.95
C ILE A 61 7.80 1.91 -2.37
N HIS A 62 8.41 2.82 -1.63
CA HIS A 62 8.30 4.23 -1.88
C HIS A 62 9.59 4.70 -2.56
N TYR A 63 9.42 5.50 -3.61
CA TYR A 63 10.49 6.06 -4.42
C TYR A 63 10.37 7.57 -4.52
N PRO A 64 11.50 8.27 -4.72
CA PRO A 64 11.46 9.72 -4.89
C PRO A 64 10.76 10.12 -6.20
N ASP A 65 10.84 9.25 -7.21
CA ASP A 65 10.30 9.52 -8.53
C ASP A 65 10.22 8.25 -9.37
N LYS A 66 9.47 8.34 -10.45
CA LYS A 66 9.34 7.28 -11.39
C LYS A 66 10.67 6.78 -11.92
N GLN A 67 11.60 7.71 -12.14
CA GLN A 67 12.88 7.36 -12.80
C GLN A 67 13.71 6.47 -11.88
N THR A 68 13.69 6.78 -10.59
CA THR A 68 14.36 5.93 -9.61
C THR A 68 13.73 4.54 -9.57
N ALA A 69 12.41 4.50 -9.53
CA ALA A 69 11.67 3.26 -9.60
C ALA A 69 12.03 2.42 -10.79
N ILE A 70 12.11 3.05 -11.96
CA ILE A 70 12.48 2.34 -13.17
C ILE A 70 13.92 1.80 -13.07
N SER A 71 14.82 2.65 -12.62
CA SER A 71 16.20 2.29 -12.43
C SER A 71 16.36 1.03 -11.60
N VAL A 72 15.70 1.00 -10.46
CA VAL A 72 15.80 -0.15 -9.56
C VAL A 72 15.19 -1.37 -10.17
N PHE A 73 14.01 -1.23 -10.72
CA PHE A 73 13.35 -2.38 -11.29
C PHE A 73 14.15 -3.04 -12.41
N ASP A 74 14.71 -2.22 -13.28
CA ASP A 74 15.59 -2.70 -14.33
C ASP A 74 16.77 -3.53 -13.80
N LYS A 75 17.35 -3.09 -12.70
CA LYS A 75 18.45 -3.78 -12.08
C LYS A 75 18.09 -5.10 -11.41
N ILE A 76 16.85 -5.25 -10.96
CA ILE A 76 16.46 -6.42 -10.19
C ILE A 76 15.49 -7.31 -10.93
N LYS A 77 15.20 -7.01 -12.20
CA LYS A 77 14.19 -7.79 -12.94
C LYS A 77 14.45 -9.29 -12.97
N PRO A 78 15.71 -9.73 -13.10
CA PRO A 78 16.00 -11.18 -13.05
C PRO A 78 15.62 -11.83 -11.74
N GLU A 79 15.83 -11.13 -10.63
CA GLU A 79 15.39 -11.62 -9.32
C GLU A 79 13.86 -11.62 -9.25
N VAL A 80 13.22 -10.59 -9.81
CA VAL A 80 11.77 -10.57 -9.83
C VAL A 80 11.22 -11.77 -10.62
N ASP A 81 11.81 -12.08 -11.77
CA ASP A 81 11.35 -13.20 -12.57
C ASP A 81 11.44 -14.52 -11.81
N GLU A 82 12.49 -14.65 -11.01
CA GLU A 82 12.66 -15.83 -10.16
C GLU A 82 11.55 -15.88 -9.09
N VAL A 83 11.21 -14.72 -8.53
CA VAL A 83 10.15 -14.66 -7.52
C VAL A 83 8.82 -15.09 -8.14
N ARG A 84 8.58 -14.69 -9.39
CA ARG A 84 7.37 -15.11 -10.07
C ARG A 84 7.28 -16.61 -10.33
N THR A 85 8.40 -17.33 -10.26
CA THR A 85 8.36 -18.77 -10.52
C THR A 85 7.72 -19.50 -9.35
N GLN A 86 7.85 -18.96 -8.15
CA GLN A 86 7.36 -19.63 -6.93
C GLN A 86 6.09 -19.00 -6.39
N ASN A 87 5.71 -17.85 -6.95
CA ASN A 87 4.64 -17.04 -6.34
C ASN A 87 3.79 -16.42 -7.41
N ARG A 88 2.59 -16.03 -7.02
CA ARG A 88 1.76 -15.20 -7.85
C ARG A 88 2.02 -13.75 -7.47
N ILE A 89 2.54 -13.00 -8.46
CA ILE A 89 3.00 -11.62 -8.26
C ILE A 89 2.17 -10.72 -9.16
N GLN A 90 1.68 -9.61 -8.63
CA GLN A 90 1.12 -8.55 -9.44
C GLN A 90 1.68 -7.24 -8.97
N ILE A 91 2.16 -6.44 -9.92
CA ILE A 91 2.82 -5.18 -9.58
C ILE A 91 1.98 -4.03 -10.10
N THR A 92 1.79 -3.02 -9.26
CA THR A 92 0.94 -1.91 -9.56
C THR A 92 1.72 -0.72 -9.12
N GLU A 93 1.83 0.33 -9.92
CA GLU A 93 2.69 1.45 -9.50
C GLU A 93 2.26 2.77 -10.11
N GLY A 94 2.65 3.85 -9.48
CA GLY A 94 2.40 5.14 -10.04
C GLY A 94 2.70 6.29 -9.16
N LYS A 95 2.29 7.47 -9.62
CA LYS A 95 2.59 8.71 -8.93
C LYS A 95 1.62 8.98 -7.76
N ARG A 96 2.15 9.58 -6.71
CA ARG A 96 1.36 9.97 -5.54
C ARG A 96 0.60 11.23 -5.94
N LEU A 97 -0.72 11.20 -5.88
CA LEU A 97 -1.55 12.36 -6.17
C LEU A 97 -1.71 13.30 -4.97
N PHE A 98 -1.81 12.74 -3.77
CA PHE A 98 -1.92 13.51 -2.54
C PHE A 98 -1.49 12.65 -1.37
N ARG A 99 -1.08 13.34 -0.32
CA ARG A 99 -0.91 12.73 0.99
C ARG A 99 -1.50 13.65 2.05
N VAL A 100 -2.32 13.10 2.95
CA VAL A 100 -2.88 13.85 4.06
C VAL A 100 -2.36 13.18 5.33
N ASP A 101 -2.06 13.97 6.36
CA ASP A 101 -1.64 13.36 7.62
C ASP A 101 -2.08 14.14 8.86
N GLY B 1 -0.71 -4.37 31.13
CA GLY B 1 0.07 -3.32 30.44
C GLY B 1 1.52 -3.71 30.22
N PHE B 3 3.17 -6.45 30.09
CA PHE B 3 3.50 -7.56 29.22
C PHE B 3 2.75 -7.54 27.90
N ALA B 4 2.16 -6.40 27.56
CA ALA B 4 1.57 -6.23 26.23
C ALA B 4 2.67 -6.25 25.19
N GLY B 5 2.50 -7.07 24.17
CA GLY B 5 3.46 -7.09 23.05
C GLY B 5 3.48 -5.77 22.30
N SER B 6 4.41 -5.62 21.37
CA SER B 6 4.39 -4.48 20.47
C SER B 6 3.13 -4.59 19.61
N ILE B 7 2.60 -3.43 19.23
CA ILE B 7 1.35 -3.38 18.50
C ILE B 7 1.75 -2.89 17.12
N PRO B 8 1.54 -3.71 16.09
CA PRO B 8 1.94 -3.25 14.78
C PRO B 8 0.97 -2.23 14.19
N TYR B 10 -1.30 -0.87 11.14
CA TYR B 10 -2.25 -1.57 10.32
C TYR B 10 -2.54 -0.70 9.12
N ILE B 11 -2.51 -1.32 7.96
CA ILE B 11 -2.67 -0.61 6.70
CA ILE B 11 -2.64 -0.63 6.69
C ILE B 11 -3.87 -1.11 5.94
N ARG B 12 -4.66 -0.16 5.42
CA ARG B 12 -5.75 -0.48 4.54
C ARG B 12 -5.49 0.11 3.18
N VAL B 13 -5.78 -0.67 2.16
CA VAL B 13 -5.61 -0.26 0.77
C VAL B 13 -6.95 -0.40 0.08
N VAL B 14 -7.47 0.74 -0.38
CA VAL B 14 -8.65 0.75 -1.18
C VAL B 14 -8.25 0.99 -2.66
N SER B 15 -8.35 -0.04 -3.48
CA SER B 15 -7.94 0.05 -4.88
C SER B 15 -9.22 0.31 -5.69
N ILE B 16 -9.16 1.26 -6.63
CA ILE B 16 -10.33 1.63 -7.42
C ILE B 16 -9.99 1.60 -8.91
N THR B 17 -11.00 1.25 -9.70
CA THR B 17 -10.98 1.45 -11.15
C THR B 17 -12.32 2.05 -11.53
N ALA B 18 -12.28 3.17 -12.26
CA ALA B 18 -13.44 3.90 -12.70
C ALA B 18 -13.65 3.68 -14.19
N GLN B 19 -14.91 3.74 -14.64
CA GLN B 19 -15.25 3.60 -16.06
C GLN B 19 -14.84 4.83 -16.91
N SER B 20 -14.61 5.96 -16.27
CA SER B 20 -14.29 7.21 -16.99
C SER B 20 -13.34 8.03 -16.17
N LYS B 21 -12.64 8.93 -16.86
CA LYS B 21 -11.70 9.87 -16.23
C LYS B 21 -12.42 10.77 -15.26
N LEU B 22 -13.63 11.20 -15.62
CA LEU B 22 -14.40 12.04 -14.73
C LEU B 22 -14.68 11.33 -13.42
N GLN B 23 -15.20 10.11 -13.46
CA GLN B 23 -15.46 9.38 -12.24
C GLN B 23 -14.21 9.14 -11.43
N PHE B 24 -13.08 8.87 -12.09
CA PHE B 24 -11.78 8.72 -11.40
C PHE B 24 -11.40 9.99 -10.69
N ASP B 25 -11.48 11.11 -11.40
CA ASP B 25 -11.06 12.41 -10.82
C ASP B 25 -11.96 12.83 -9.64
N THR B 27 -13.54 10.75 -7.69
CA THR B 27 -13.22 9.82 -6.60
C THR B 27 -11.93 10.24 -5.84
N VAL B 28 -10.92 10.59 -6.60
CA VAL B 28 -9.70 11.12 -6.01
C VAL B 28 -9.99 12.34 -5.13
N THR B 29 -10.83 13.23 -5.63
CA THR B 29 -11.19 14.43 -4.91
C THR B 29 -12.01 14.06 -3.65
N TYR B 30 -12.87 13.05 -3.77
CA TYR B 30 -13.58 12.59 -2.62
C TYR B 30 -12.67 11.95 -1.55
N PHE B 31 -11.70 11.13 -1.95
CA PHE B 31 -10.76 10.57 -0.99
C PHE B 31 -10.03 11.71 -0.32
N GLU B 32 -9.63 12.72 -1.08
CA GLU B 32 -8.79 13.77 -0.52
C GLU B 32 -9.54 14.66 0.48
N ASN B 33 -10.77 15.00 0.12
CA ASN B 33 -11.52 16.06 0.83
C ASN B 33 -12.58 15.58 1.81
N VAL B 34 -13.02 14.34 1.68
CA VAL B 34 -14.06 13.79 2.53
C VAL B 34 -13.55 12.59 3.36
N TRP B 35 -13.04 11.57 2.69
CA TRP B 35 -12.60 10.36 3.39
C TRP B 35 -11.40 10.62 4.27
N SER B 36 -10.38 11.25 3.71
CA SER B 36 -9.13 11.50 4.44
C SER B 36 -9.33 12.32 5.71
N PRO B 37 -9.97 13.50 5.63
CA PRO B 37 -10.09 14.27 6.87
C PRO B 37 -10.87 13.54 7.94
N LYS B 38 -11.87 12.74 7.53
CA LYS B 38 -12.65 12.00 8.47
C LYS B 38 -11.81 10.97 9.19
N VAL B 39 -11.11 10.12 8.42
CA VAL B 39 -10.37 9.01 9.05
C VAL B 39 -9.22 9.52 9.89
N ILE B 40 -8.57 10.59 9.42
CA ILE B 40 -7.47 11.20 10.16
CA ILE B 40 -7.47 11.23 10.14
C ILE B 40 -7.98 11.80 11.47
N SER B 41 -9.12 12.47 11.43
CA SER B 41 -9.71 13.00 12.67
C SER B 41 -10.02 11.90 13.68
N LEU B 42 -10.39 10.71 13.20
CA LEU B 42 -10.74 9.61 14.10
C LEU B 42 -9.60 8.69 14.51
N GLY B 43 -8.41 8.88 13.95
CA GLY B 43 -7.24 8.16 14.43
C GLY B 43 -6.27 7.64 13.39
N ALA B 44 -6.58 7.74 12.11
CA ALA B 44 -5.62 7.36 11.08
C ALA B 44 -4.40 8.26 11.20
N ILE B 45 -3.24 7.72 10.82
CA ILE B 45 -1.98 8.48 10.87
C ILE B 45 -1.79 9.26 9.60
N SER B 46 -2.01 8.61 8.46
CA SER B 46 -1.88 9.24 7.15
C SER B 46 -2.70 8.53 6.10
N ALA B 47 -2.98 9.22 4.98
CA ALA B 47 -3.67 8.65 3.85
C ALA B 47 -3.08 9.23 2.59
N GLU B 48 -2.83 8.39 1.60
CA GLU B 48 -2.32 8.90 0.33
C GLU B 48 -2.96 8.18 -0.81
N PHE B 49 -2.90 8.79 -1.99
CA PHE B 49 -3.51 8.19 -3.14
C PHE B 49 -2.44 8.04 -4.20
N VAL B 50 -2.40 6.87 -4.84
CA VAL B 50 -1.40 6.59 -5.87
C VAL B 50 -2.13 6.23 -7.13
N GLN B 51 -1.85 6.97 -8.21
CA GLN B 51 -2.50 6.67 -9.49
C GLN B 51 -1.69 5.60 -10.17
N SER B 52 -2.36 4.51 -10.53
CA SER B 52 -1.72 3.31 -11.09
C SER B 52 -1.93 3.18 -12.56
N ASN B 53 -3.02 3.78 -13.04
CA ASN B 53 -3.34 3.81 -14.46
CA ASN B 53 -3.24 3.89 -14.48
C ASN B 53 -4.27 4.99 -14.76
N GLU B 54 -4.68 5.11 -16.02
CA GLU B 54 -5.48 6.28 -16.43
C GLU B 54 -6.64 6.56 -15.50
N ASN B 55 -7.38 5.51 -15.17
CA ASN B 55 -8.56 5.60 -14.32
C ASN B 55 -8.56 4.65 -13.13
N SER B 56 -7.38 4.41 -12.56
CA SER B 56 -7.27 3.52 -11.41
CA SER B 56 -7.19 3.44 -11.47
C SER B 56 -6.17 3.96 -10.50
N GLY B 57 -6.30 3.54 -9.26
CA GLY B 57 -5.33 3.88 -8.27
C GLY B 57 -5.64 3.25 -6.95
N TYR B 59 -5.81 4.00 -2.71
CA TYR B 59 -5.89 4.85 -1.56
C TYR B 59 -5.36 4.03 -0.37
N ILE B 60 -4.32 4.54 0.26
CA ILE B 60 -3.58 3.74 1.25
C ILE B 60 -3.65 4.51 2.55
N ILE B 61 -4.17 3.85 3.59
CA ILE B 61 -4.40 4.50 4.87
C ILE B 61 -3.61 3.75 5.92
N HIS B 62 -2.82 4.49 6.70
CA HIS B 62 -2.02 3.94 7.77
C HIS B 62 -2.71 4.21 9.10
N TYR B 63 -2.90 3.16 9.88
CA TYR B 63 -3.51 3.27 11.20
C TYR B 63 -2.50 2.81 12.27
N PRO B 64 -2.60 3.36 13.51
CA PRO B 64 -1.65 2.96 14.55
C PRO B 64 -1.78 1.51 14.97
N ASP B 65 -2.99 0.96 14.85
CA ASP B 65 -3.22 -0.42 15.20
C ASP B 65 -4.47 -0.91 14.56
N LYS B 66 -4.66 -2.23 14.58
CA LYS B 66 -5.84 -2.87 13.99
C LYS B 66 -7.14 -2.39 14.62
N GLN B 67 -7.17 -2.26 15.95
CA GLN B 67 -8.39 -1.84 16.61
C GLN B 67 -8.89 -0.50 16.07
N THR B 68 -7.98 0.46 15.94
CA THR B 68 -8.34 1.77 15.44
C THR B 68 -8.83 1.63 14.00
N ALA B 69 -8.11 0.86 13.18
CA ALA B 69 -8.46 0.67 11.76
C ALA B 69 -9.85 0.11 11.60
N ILE B 70 -10.18 -0.89 12.40
CA ILE B 70 -11.50 -1.55 12.28
C ILE B 70 -12.61 -0.64 12.78
N SER B 71 -12.34 0.04 13.90
CA SER B 71 -13.32 0.93 14.51
C SER B 71 -13.68 2.09 13.57
N VAL B 72 -12.66 2.71 12.98
CA VAL B 72 -12.91 3.79 12.00
C VAL B 72 -13.71 3.28 10.78
N PHE B 73 -13.28 2.14 10.23
CA PHE B 73 -13.97 1.58 9.07
C PHE B 73 -15.48 1.41 9.28
N ASP B 74 -15.82 0.90 10.48
CA ASP B 74 -17.21 0.70 10.84
CA ASP B 74 -17.21 0.69 10.87
C ASP B 74 -18.02 2.00 10.87
N LYS B 75 -17.32 3.13 11.00
CA LYS B 75 -17.99 4.41 11.07
C LYS B 75 -18.04 5.17 9.77
N ILE B 76 -17.49 4.60 8.70
CA ILE B 76 -17.44 5.31 7.42
C ILE B 76 -18.08 4.49 6.32
N LYS B 77 -19.07 3.68 6.67
CA LYS B 77 -19.81 2.96 5.64
C LYS B 77 -20.38 3.90 4.58
N PRO B 78 -20.95 5.06 4.97
CA PRO B 78 -21.41 5.98 3.93
C PRO B 78 -20.38 6.35 2.88
N GLU B 79 -19.17 6.59 3.33
CA GLU B 79 -18.06 6.94 2.44
C GLU B 79 -17.70 5.77 1.49
N VAL B 80 -17.61 4.58 2.05
CA VAL B 80 -17.37 3.38 1.23
C VAL B 80 -18.48 3.22 0.19
N ASP B 81 -19.72 3.37 0.61
CA ASP B 81 -20.87 3.23 -0.29
C ASP B 81 -20.80 4.23 -1.44
N GLU B 82 -20.38 5.47 -1.16
CA GLU B 82 -20.31 6.50 -2.16
C GLU B 82 -19.23 6.16 -3.20
N VAL B 83 -18.07 5.71 -2.74
CA VAL B 83 -16.99 5.28 -3.62
C VAL B 83 -17.39 4.07 -4.48
N ARG B 84 -18.04 3.09 -3.86
CA ARG B 84 -18.57 1.96 -4.60
C ARG B 84 -19.51 2.30 -5.77
N THR B 85 -20.26 3.40 -5.65
CA THR B 85 -21.18 3.76 -6.70
C THR B 85 -20.48 4.17 -7.98
N GLN B 86 -19.26 4.68 -7.86
CA GLN B 86 -18.55 5.24 -9.01
C GLN B 86 -17.41 4.39 -9.50
N ASN B 87 -17.13 3.28 -8.80
CA ASN B 87 -15.93 2.52 -9.08
C ASN B 87 -16.09 1.06 -8.81
N ARG B 88 -15.27 0.27 -9.50
CA ARG B 88 -14.94 -1.08 -9.05
C ARG B 88 -13.88 -0.95 -7.97
N ILE B 89 -14.13 -1.55 -6.81
CA ILE B 89 -13.15 -1.45 -5.73
C ILE B 89 -12.71 -2.79 -5.14
N GLN B 90 -11.51 -2.81 -4.58
CA GLN B 90 -11.04 -3.94 -3.81
C GLN B 90 -10.41 -3.38 -2.57
N ILE B 91 -10.80 -3.87 -1.41
CA ILE B 91 -10.18 -3.41 -0.15
C ILE B 91 -9.32 -4.55 0.42
N THR B 92 -8.06 -4.26 0.72
CA THR B 92 -7.11 -5.26 1.24
C THR B 92 -6.46 -4.63 2.44
N GLU B 93 -6.33 -5.36 3.53
CA GLU B 93 -5.82 -4.73 4.72
C GLU B 93 -5.17 -5.75 5.64
N GLY B 94 -4.31 -5.25 6.51
CA GLY B 94 -3.60 -6.12 7.40
C GLY B 94 -2.60 -5.40 8.25
N LYS B 95 -1.99 -6.16 9.15
CA LYS B 95 -0.93 -5.63 9.98
C LYS B 95 0.32 -5.50 9.15
N ARG B 96 1.09 -4.46 9.46
CA ARG B 96 2.42 -4.31 8.93
C ARG B 96 3.34 -5.36 9.54
N LEU B 97 3.99 -6.16 8.69
CA LEU B 97 4.98 -7.15 9.15
C LEU B 97 6.35 -6.52 9.37
N PHE B 98 6.74 -5.60 8.51
CA PHE B 98 7.96 -4.80 8.73
C PHE B 98 7.94 -3.52 7.93
N ARG B 99 8.76 -2.57 8.35
CA ARG B 99 9.13 -1.45 7.51
C ARG B 99 10.62 -1.33 7.59
N VAL B 100 11.28 -1.19 6.45
CA VAL B 100 12.71 -0.94 6.37
C VAL B 100 12.88 0.40 5.67
N ASP B 101 13.73 1.28 6.20
CA ASP B 101 13.88 2.57 5.57
C ASP B 101 15.31 3.07 5.60
#